data_6BWR
#
_entry.id   6BWR
#
_cell.length_a   96.634
_cell.length_b   96.634
_cell.length_c   96.634
_cell.angle_alpha   90.000
_cell.angle_beta   90.000
_cell.angle_gamma   90.000
#
_symmetry.space_group_name_H-M   'P 21 3'
#
loop_
_entity.id
_entity.type
_entity.pdbx_description
1 polymer 'Pyridinium-3,5-bisthiocarboxylic acid mononucleotide nickel insertion protein'
2 non-polymer 'NICKEL (II) ION'
3 water water
#
_entity_poly.entity_id   1
_entity_poly.type   'polypeptide(L)'
_entity_poly.pdbx_seq_one_letter_code
;TADAVLMIEANLDDQTGEGLGYVMNQLLTAGAYDVFFTPIQMKKDRPATKLTVLGNVNDKDLLTKLILQETTTIGVRYQT
WQRTIMQRHFLTVATPYGDVQVKVATYQDIEKKMPEYADCAQLAQQFHIPFRTVYQAALVAVDQLDEEA
;
_entity_poly.pdbx_strand_id   A,B
#
# COMPACT_ATOMS: atom_id res chain seq x y z
N THR A 1 12.03 13.02 -24.13
CA THR A 1 11.06 14.12 -24.10
C THR A 1 9.68 13.64 -24.53
N ALA A 2 9.61 13.12 -25.75
CA ALA A 2 8.36 12.57 -26.26
C ALA A 2 8.41 11.06 -26.17
N ASP A 3 7.26 10.47 -25.91
CA ASP A 3 7.22 9.06 -25.55
C ASP A 3 5.80 8.56 -25.77
N ALA A 4 5.62 7.24 -25.64
CA ALA A 4 4.32 6.61 -25.61
C ALA A 4 4.32 5.53 -24.53
N VAL A 5 3.15 5.30 -23.94
CA VAL A 5 3.00 4.34 -22.85
C VAL A 5 1.72 3.54 -23.10
N LEU A 6 1.74 2.27 -22.75
CA LEU A 6 0.55 1.43 -22.84
C LEU A 6 -0.19 1.50 -21.51
N MET A 7 -1.50 1.65 -21.56
CA MET A 7 -2.33 1.58 -20.38
C MET A 7 -3.17 0.33 -20.49
N ILE A 8 -3.11 -0.51 -19.46
CA ILE A 8 -3.93 -1.71 -19.37
C ILE A 8 -4.82 -1.57 -18.15
N GLU A 9 -6.10 -1.86 -18.32
CA GLU A 9 -7.09 -1.71 -17.25
C GLU A 9 -7.89 -3.00 -17.08
N ALA A 10 -8.32 -3.26 -15.85
CA ALA A 10 -9.25 -4.36 -15.59
C ALA A 10 -10.11 -4.03 -14.39
N ASN A 11 -11.38 -4.38 -14.47
CA ASN A 11 -12.33 -4.20 -13.38
C ASN A 11 -12.46 -5.50 -12.63
N LEU A 12 -12.11 -5.49 -11.35
CA LEU A 12 -12.07 -6.70 -10.56
C LEU A 12 -13.11 -6.59 -9.45
N ASP A 13 -14.22 -7.31 -9.59
CA ASP A 13 -15.19 -7.41 -8.52
C ASP A 13 -15.16 -8.75 -7.80
N ASP A 14 -14.29 -9.68 -8.18
CA ASP A 14 -14.24 -10.94 -7.46
C ASP A 14 -12.82 -11.25 -7.06
N GLN A 15 -12.12 -10.25 -6.55
CA GLN A 15 -10.72 -10.36 -6.16
C GLN A 15 -10.56 -9.69 -4.81
N THR A 16 -9.79 -10.31 -3.90
CA THR A 16 -9.60 -9.70 -2.59
C THR A 16 -8.49 -8.66 -2.62
N GLY A 17 -8.54 -7.75 -1.64
CA GLY A 17 -7.49 -6.76 -1.51
C GLY A 17 -6.13 -7.38 -1.24
N GLU A 18 -6.10 -8.46 -0.44
CA GLU A 18 -4.86 -9.23 -0.23
C GLU A 18 -4.30 -9.73 -1.55
N GLY A 19 -5.15 -10.32 -2.39
CA GLY A 19 -4.70 -10.78 -3.68
C GLY A 19 -4.34 -9.63 -4.61
N LEU A 20 -5.02 -8.50 -4.49
CA LEU A 20 -4.70 -7.34 -5.31
C LEU A 20 -3.36 -6.74 -4.90
N GLY A 21 -3.10 -6.67 -3.60
CA GLY A 21 -1.78 -6.25 -3.16
C GLY A 21 -0.70 -7.16 -3.69
N TYR A 22 -1.00 -8.46 -3.77
CA TYR A 22 -0.03 -9.41 -4.30
C TYR A 22 0.27 -9.16 -5.78
N VAL A 23 -0.78 -8.91 -6.58
CA VAL A 23 -0.58 -8.70 -8.01
C VAL A 23 0.11 -7.38 -8.29
N MET A 24 -0.08 -6.34 -7.46
CA MET A 24 0.63 -5.10 -7.74
C MET A 24 2.12 -5.29 -7.56
N ASN A 25 2.54 -6.07 -6.55
CA ASN A 25 3.95 -6.40 -6.38
C ASN A 25 4.48 -7.21 -7.55
N GLN A 26 3.67 -8.13 -8.09
CA GLN A 26 4.06 -8.90 -9.26
C GLN A 26 4.22 -8.02 -10.49
N LEU A 27 3.34 -7.03 -10.66
CA LEU A 27 3.40 -6.19 -11.86
C LEU A 27 4.58 -5.24 -11.84
N LEU A 28 4.96 -4.75 -10.67
CA LEU A 28 6.13 -3.88 -10.59
C LEU A 28 7.40 -4.68 -10.85
N THR A 29 7.48 -5.91 -10.33
CA THR A 29 8.61 -6.80 -10.60
C THR A 29 8.73 -7.08 -12.09
N ALA A 30 7.59 -7.22 -12.78
CA ALA A 30 7.60 -7.47 -14.22
C ALA A 30 7.99 -6.26 -15.03
N GLY A 31 8.17 -5.10 -14.40
CA GLY A 31 8.71 -3.95 -15.08
C GLY A 31 7.71 -2.93 -15.52
N ALA A 32 6.48 -2.97 -15.01
CA ALA A 32 5.52 -1.93 -15.31
C ALA A 32 6.07 -0.58 -14.87
N TYR A 33 5.77 0.46 -15.66
CA TYR A 33 6.15 1.81 -15.27
C TYR A 33 5.42 2.25 -14.02
N ASP A 34 4.15 1.88 -13.90
CA ASP A 34 3.34 2.26 -12.77
C ASP A 34 2.15 1.32 -12.70
N VAL A 35 1.60 1.19 -11.50
CA VAL A 35 0.41 0.41 -11.18
C VAL A 35 -0.34 1.18 -10.10
N PHE A 36 -1.65 1.32 -10.26
CA PHE A 36 -2.46 1.91 -9.20
C PHE A 36 -3.86 1.30 -9.19
N PHE A 37 -4.51 1.39 -8.05
CA PHE A 37 -5.86 0.90 -7.85
C PHE A 37 -6.79 2.08 -7.78
N THR A 38 -7.98 1.94 -8.35
CA THR A 38 -9.03 2.95 -8.21
C THR A 38 -10.26 2.26 -7.63
N PRO A 39 -10.81 2.71 -6.51
CA PRO A 39 -12.07 2.14 -6.03
C PRO A 39 -13.21 2.55 -6.95
N ILE A 40 -13.99 1.59 -7.39
CA ILE A 40 -15.11 1.81 -8.30
C ILE A 40 -16.32 1.06 -7.72
N GLN A 41 -17.48 1.34 -8.28
CA GLN A 41 -18.71 0.69 -7.85
C GLN A 41 -19.31 -0.01 -9.07
N MET A 42 -19.54 -1.30 -8.97
CA MET A 42 -20.07 -2.04 -10.09
C MET A 42 -21.47 -2.54 -9.75
N LYS A 43 -22.12 -3.14 -10.75
CA LYS A 43 -23.49 -3.60 -10.63
C LYS A 43 -23.64 -4.61 -9.48
N LYS A 44 -24.88 -4.76 -9.03
CA LYS A 44 -25.25 -5.70 -7.96
C LYS A 44 -24.54 -5.36 -6.64
N ASP A 45 -24.40 -4.07 -6.37
CA ASP A 45 -23.92 -3.55 -5.08
C ASP A 45 -22.52 -4.01 -4.76
N ARG A 46 -21.66 -4.05 -5.78
CA ARG A 46 -20.32 -4.59 -5.62
C ARG A 46 -19.30 -3.46 -5.54
N PRO A 47 -18.66 -3.25 -4.40
CA PRO A 47 -17.49 -2.38 -4.33
C PRO A 47 -16.30 -3.10 -4.96
N ALA A 48 -15.81 -2.57 -6.06
CA ALA A 48 -14.80 -3.23 -6.86
C ALA A 48 -13.55 -2.37 -6.87
N THR A 49 -12.52 -2.87 -7.52
CA THR A 49 -11.26 -2.15 -7.66
C THR A 49 -10.88 -2.18 -9.12
N LYS A 50 -10.54 -1.03 -9.67
CA LYS A 50 -10.00 -1.00 -11.01
C LYS A 50 -8.48 -1.08 -10.90
N LEU A 51 -7.90 -2.01 -11.61
CA LEU A 51 -6.45 -2.16 -11.74
C LEU A 51 -6.00 -1.46 -13.02
N THR A 52 -5.08 -0.49 -12.89
CA THR A 52 -4.48 0.18 -14.05
C THR A 52 -2.97 -0.08 -14.08
N VAL A 53 -2.47 -0.51 -15.23
CA VAL A 53 -1.07 -0.81 -15.43
C VAL A 53 -0.54 0.10 -16.52
N LEU A 54 0.55 0.79 -16.24
CA LEU A 54 1.24 1.58 -17.25
C LEU A 54 2.56 0.91 -17.58
N GLY A 55 2.92 0.90 -18.86
CA GLY A 55 4.16 0.25 -19.23
C GLY A 55 4.52 0.52 -20.66
N ASN A 56 5.62 -0.09 -21.07
CA ASN A 56 6.09 0.02 -22.44
C ASN A 56 5.12 -0.69 -23.38
N VAL A 57 4.87 -0.11 -24.56
CA VAL A 57 3.89 -0.72 -25.45
C VAL A 57 4.27 -2.13 -25.84
N ASN A 58 5.56 -2.43 -25.85
CA ASN A 58 6.04 -3.77 -26.20
C ASN A 58 5.93 -4.76 -25.05
N ASP A 59 5.48 -4.34 -23.87
CA ASP A 59 5.23 -5.26 -22.78
C ASP A 59 3.78 -5.67 -22.69
N LYS A 60 2.98 -5.38 -23.73
CA LYS A 60 1.55 -5.71 -23.71
C LYS A 60 1.33 -7.17 -23.41
N ASP A 61 2.02 -8.06 -24.12
CA ASP A 61 1.80 -9.49 -23.94
C ASP A 61 2.24 -9.95 -22.55
N LEU A 62 3.37 -9.44 -22.08
CA LEU A 62 3.86 -9.79 -20.76
C LEU A 62 2.85 -9.39 -19.68
N LEU A 63 2.41 -8.13 -19.70
CA LEU A 63 1.58 -7.63 -18.61
C LEU A 63 0.16 -8.17 -18.69
N THR A 64 -0.35 -8.41 -19.89
CA THR A 64 -1.65 -9.04 -20.06
C THR A 64 -1.69 -10.44 -19.46
N LYS A 65 -0.75 -11.29 -19.87
CA LYS A 65 -0.74 -12.67 -19.39
C LYS A 65 -0.56 -12.74 -17.88
N LEU A 66 0.23 -11.83 -17.31
CA LEU A 66 0.39 -11.73 -15.87
C LEU A 66 -0.95 -11.46 -15.20
N ILE A 67 -1.68 -10.48 -15.72
CA ILE A 67 -2.99 -10.14 -15.16
C ILE A 67 -3.95 -11.30 -15.34
N LEU A 68 -3.95 -11.94 -16.51
CA LEU A 68 -4.89 -13.03 -16.73
C LEU A 68 -4.56 -14.26 -15.90
N GLN A 69 -3.28 -14.46 -15.54
CA GLN A 69 -2.89 -15.59 -14.70
C GLN A 69 -3.14 -15.36 -13.22
N GLU A 70 -2.89 -14.15 -12.72
CA GLU A 70 -2.88 -13.90 -11.28
C GLU A 70 -4.17 -13.28 -10.73
N THR A 71 -5.02 -12.69 -11.57
CA THR A 71 -6.29 -12.15 -11.10
C THR A 71 -7.43 -13.01 -11.61
N THR A 72 -8.64 -12.61 -11.27
CA THR A 72 -9.84 -13.34 -11.65
C THR A 72 -10.48 -12.83 -12.94
N THR A 73 -9.93 -11.80 -13.55
CA THR A 73 -10.55 -11.18 -14.72
C THR A 73 -10.50 -12.10 -15.94
N ILE A 74 -11.57 -12.05 -16.73
CA ILE A 74 -11.70 -12.76 -18.01
C ILE A 74 -11.08 -11.99 -19.17
N GLY A 75 -10.92 -10.67 -19.04
CA GLY A 75 -10.38 -9.88 -20.13
C GLY A 75 -9.69 -8.62 -19.62
N VAL A 76 -8.88 -8.03 -20.49
CA VAL A 76 -8.22 -6.76 -20.23
C VAL A 76 -8.54 -5.79 -21.36
N ARG A 77 -8.51 -4.51 -21.06
CA ARG A 77 -8.57 -3.50 -22.11
C ARG A 77 -7.29 -2.69 -22.07
N TYR A 78 -6.83 -2.25 -23.23
CA TYR A 78 -5.56 -1.54 -23.29
C TYR A 78 -5.62 -0.49 -24.39
N GLN A 79 -4.85 0.57 -24.22
CA GLN A 79 -4.75 1.62 -25.23
C GLN A 79 -3.44 2.34 -25.04
N THR A 80 -2.99 2.96 -26.12
CA THR A 80 -1.73 3.68 -26.16
C THR A 80 -2.00 5.16 -25.88
N TRP A 81 -1.24 5.73 -24.94
CA TRP A 81 -1.24 7.15 -24.60
C TRP A 81 0.08 7.76 -25.06
N GLN A 82 0.08 9.08 -25.26
CA GLN A 82 1.33 9.80 -25.44
C GLN A 82 1.82 10.32 -24.09
N ARG A 83 3.10 10.61 -24.03
CA ARG A 83 3.71 11.12 -22.81
C ARG A 83 4.67 12.27 -23.12
N THR A 84 4.68 13.26 -22.24
CA THR A 84 5.71 14.28 -22.24
C THR A 84 6.45 14.14 -20.92
N ILE A 85 7.76 13.96 -20.99
CA ILE A 85 8.58 13.60 -19.84
C ILE A 85 9.66 14.68 -19.64
N MET A 86 9.84 15.13 -18.40
CA MET A 86 10.94 16.03 -18.11
C MET A 86 12.28 15.30 -18.10
N GLN A 87 13.35 16.08 -18.30
CA GLN A 87 14.69 15.54 -18.22
C GLN A 87 15.08 15.38 -16.77
N ARG A 88 15.74 14.27 -16.46
CA ARG A 88 16.12 13.94 -15.09
C ARG A 88 17.63 13.79 -15.00
N HIS A 89 18.19 14.31 -13.91
CA HIS A 89 19.49 13.89 -13.41
C HIS A 89 19.50 14.16 -11.91
N PHE A 90 20.48 13.57 -11.23
CA PHE A 90 20.52 13.53 -9.77
C PHE A 90 21.69 14.31 -9.22
N LEU A 91 21.44 15.00 -8.11
CA LEU A 91 22.39 15.73 -7.31
C LEU A 91 22.48 15.14 -5.91
N THR A 92 23.70 14.99 -5.39
CA THR A 92 23.88 14.72 -3.98
C THR A 92 24.07 16.06 -3.27
N VAL A 93 23.27 16.29 -2.24
CA VAL A 93 23.27 17.54 -1.49
C VAL A 93 23.55 17.19 -0.04
N ALA A 94 24.31 18.03 0.66
CA ALA A 94 24.64 17.79 2.05
C ALA A 94 23.62 18.47 2.95
N THR A 95 22.97 17.70 3.81
CA THR A 95 22.00 18.21 4.76
C THR A 95 22.54 18.06 6.17
N PRO A 96 21.83 18.58 7.18
CA PRO A 96 22.30 18.36 8.56
C PRO A 96 22.43 16.88 8.96
N TYR A 97 21.81 15.95 8.24
CA TYR A 97 21.83 14.55 8.67
C TYR A 97 22.50 13.61 7.68
N GLY A 98 23.15 14.12 6.65
CA GLY A 98 23.83 13.30 5.69
C GLY A 98 23.51 13.74 4.28
N ASP A 99 24.15 13.07 3.33
CA ASP A 99 23.91 13.37 1.92
C ASP A 99 22.55 12.80 1.51
N VAL A 100 21.81 13.58 0.73
CA VAL A 100 20.51 13.16 0.21
C VAL A 100 20.50 13.40 -1.29
N GLN A 101 20.15 12.37 -2.05
CA GLN A 101 20.08 12.52 -3.49
C GLN A 101 18.82 13.30 -3.85
N VAL A 102 18.97 14.29 -4.72
CA VAL A 102 17.88 15.16 -5.12
C VAL A 102 17.68 15.05 -6.63
N LYS A 103 16.44 14.83 -7.04
CA LYS A 103 16.07 14.70 -8.45
C LYS A 103 15.84 16.09 -9.03
N VAL A 104 16.58 16.43 -10.09
CA VAL A 104 16.45 17.71 -10.78
C VAL A 104 15.78 17.43 -12.11
N ALA A 105 14.50 17.79 -12.21
CA ALA A 105 13.72 17.56 -13.42
C ALA A 105 13.65 18.86 -14.19
N THR A 106 13.95 18.81 -15.48
CA THR A 106 13.97 20.01 -16.29
C THR A 106 13.19 19.79 -17.59
N TYR A 107 12.50 20.83 -18.02
CA TYR A 107 11.77 20.80 -19.27
C TYR A 107 11.78 22.23 -19.75
N GLN A 108 12.54 22.47 -20.80
CA GLN A 108 12.71 23.82 -21.34
C GLN A 108 13.15 24.76 -20.23
N ASP A 109 12.37 25.78 -19.90
CA ASP A 109 12.76 26.73 -18.86
C ASP A 109 12.36 26.29 -17.47
N ILE A 110 11.71 25.14 -17.33
CA ILE A 110 11.16 24.70 -16.05
C ILE A 110 12.23 23.89 -15.35
N GLU A 111 12.47 24.21 -14.09
CA GLU A 111 13.40 23.46 -13.26
C GLU A 111 12.78 23.31 -11.88
N LYS A 112 12.77 22.09 -11.36
CA LYS A 112 12.32 21.83 -10.00
C LYS A 112 13.20 20.74 -9.42
N LYS A 113 13.18 20.63 -8.09
CA LYS A 113 14.08 19.73 -7.38
C LYS A 113 13.32 18.95 -6.33
N MET A 114 13.46 17.63 -6.35
CA MET A 114 12.75 16.73 -5.44
C MET A 114 13.71 15.81 -4.69
N PRO A 115 13.85 15.94 -3.38
CA PRO A 115 14.64 14.98 -2.63
C PRO A 115 14.07 13.58 -2.79
N GLU A 116 14.95 12.61 -2.94
CA GLU A 116 14.52 11.23 -3.14
C GLU A 116 13.97 10.66 -1.85
N TYR A 117 12.79 10.06 -1.93
CA TYR A 117 12.14 9.52 -0.73
C TYR A 117 13.04 8.55 0.01
N ALA A 118 13.75 7.70 -0.72
CA ALA A 118 14.49 6.62 -0.08
C ALA A 118 15.57 7.15 0.85
N ASP A 119 16.34 8.14 0.41
CA ASP A 119 17.37 8.71 1.28
C ASP A 119 16.76 9.37 2.50
N CYS A 120 15.67 10.12 2.31
CA CYS A 120 15.07 10.88 3.39
C CYS A 120 14.47 9.95 4.44
N ALA A 121 13.81 8.88 3.99
CA ALA A 121 13.20 7.93 4.92
C ALA A 121 14.26 7.14 5.70
N GLN A 122 15.37 6.80 5.05
CA GLN A 122 16.43 6.08 5.74
C GLN A 122 17.07 6.96 6.81
N LEU A 123 17.29 8.25 6.50
CA LEU A 123 17.88 9.14 7.50
C LEU A 123 16.91 9.46 8.63
N ALA A 124 15.61 9.54 8.33
CA ALA A 124 14.61 9.78 9.38
C ALA A 124 14.55 8.62 10.35
N GLN A 125 14.63 7.39 9.83
CA GLN A 125 14.59 6.21 10.68
C GLN A 125 15.84 6.09 11.54
N GLN A 126 17.03 6.36 10.97
CA GLN A 126 18.28 6.17 11.71
C GLN A 126 18.41 7.15 12.87
N PHE A 127 18.01 8.40 12.65
CA PHE A 127 18.18 9.43 13.66
C PHE A 127 16.91 9.70 14.43
N HIS A 128 15.85 8.90 14.21
CA HIS A 128 14.58 9.02 14.94
C HIS A 128 14.05 10.46 14.90
N ILE A 129 13.94 11.00 13.69
CA ILE A 129 13.36 12.31 13.44
C ILE A 129 12.32 12.15 12.34
N PRO A 130 11.35 13.07 12.26
CA PRO A 130 10.27 12.91 11.28
C PRO A 130 10.78 12.90 9.84
N PHE A 131 10.05 12.18 9.00
CA PHE A 131 10.31 12.19 7.56
C PHE A 131 10.28 13.60 7.00
N ARG A 132 9.19 14.32 7.25
CA ARG A 132 9.05 15.67 6.75
C ARG A 132 10.19 16.58 7.20
N THR A 133 10.80 16.29 8.35
CA THR A 133 11.92 17.11 8.83
C THR A 133 13.15 16.91 7.98
N VAL A 134 13.45 15.65 7.64
CA VAL A 134 14.60 15.39 6.78
C VAL A 134 14.32 15.87 5.36
N TYR A 135 13.09 15.67 4.88
CA TYR A 135 12.74 16.13 3.53
C TYR A 135 12.85 17.63 3.41
N GLN A 136 12.36 18.37 4.41
CA GLN A 136 12.46 19.82 4.39
C GLN A 136 13.89 20.29 4.56
N ALA A 137 14.71 19.55 5.31
CA ALA A 137 16.12 19.92 5.42
C ALA A 137 16.82 19.80 4.07
N ALA A 138 16.46 18.78 3.29
CA ALA A 138 17.04 18.62 1.97
C ALA A 138 16.60 19.74 1.03
N LEU A 139 15.33 20.17 1.14
CA LEU A 139 14.85 21.27 0.32
C LEU A 139 15.63 22.55 0.62
N VAL A 140 15.82 22.87 1.90
CA VAL A 140 16.60 24.05 2.24
C VAL A 140 18.02 23.91 1.71
N ALA A 141 18.58 22.71 1.83
CA ALA A 141 19.97 22.55 1.46
C ALA A 141 20.17 22.63 -0.05
N VAL A 142 19.13 22.35 -0.83
CA VAL A 142 19.29 22.41 -2.28
C VAL A 142 19.22 23.83 -2.80
N ASP A 143 18.96 24.81 -1.94
CA ASP A 143 18.97 26.19 -2.38
C ASP A 143 20.33 26.65 -2.90
N GLN A 144 21.40 25.95 -2.55
CA GLN A 144 22.71 26.22 -3.15
C GLN A 144 23.44 24.93 -3.53
N THR B 1 -14.14 -13.35 22.30
CA THR B 1 -13.96 -12.61 23.54
C THR B 1 -14.35 -11.13 23.36
N ALA B 2 -14.41 -10.40 24.47
CA ALA B 2 -14.77 -8.98 24.50
C ALA B 2 -13.54 -8.13 24.76
N ASP B 3 -13.59 -6.90 24.25
CA ASP B 3 -12.45 -6.01 24.27
C ASP B 3 -12.94 -4.58 24.14
N ALA B 4 -12.01 -3.64 24.23
CA ALA B 4 -12.26 -2.26 23.86
C ALA B 4 -11.07 -1.80 23.06
N VAL B 5 -11.32 -0.91 22.11
CA VAL B 5 -10.29 -0.50 21.18
C VAL B 5 -10.35 1.01 21.04
N LEU B 6 -9.19 1.61 20.93
CA LEU B 6 -9.09 3.05 20.77
C LEU B 6 -9.08 3.36 19.28
N MET B 7 -9.84 4.35 18.87
CA MET B 7 -9.77 4.84 17.51
C MET B 7 -9.24 6.25 17.53
N ILE B 8 -8.17 6.50 16.77
CA ILE B 8 -7.63 7.84 16.60
C ILE B 8 -7.74 8.20 15.13
N GLU B 9 -8.22 9.42 14.86
CA GLU B 9 -8.42 9.92 13.50
C GLU B 9 -7.76 11.28 13.34
N ALA B 10 -7.34 11.57 12.12
CA ALA B 10 -6.91 12.91 11.75
C ALA B 10 -7.19 13.11 10.27
N ASN B 11 -7.62 14.31 9.91
CA ASN B 11 -7.88 14.71 8.53
C ASN B 11 -6.68 15.48 8.01
N LEU B 12 -6.02 14.94 7.00
CA LEU B 12 -4.75 15.47 6.52
C LEU B 12 -4.94 16.00 5.11
N ASP B 13 -4.95 17.33 4.97
CA ASP B 13 -4.95 17.96 3.67
C ASP B 13 -3.61 18.61 3.33
N ASP B 14 -2.62 18.48 4.19
CA ASP B 14 -1.30 19.05 3.95
C ASP B 14 -0.24 17.97 4.12
N GLN B 15 -0.49 16.79 3.57
CA GLN B 15 0.43 15.66 3.67
C GLN B 15 0.57 14.99 2.31
N THR B 16 1.80 14.62 1.94
CA THR B 16 1.97 13.90 0.69
C THR B 16 1.69 12.41 0.91
N GLY B 17 1.40 11.72 -0.20
CA GLY B 17 1.22 10.28 -0.13
C GLY B 17 2.47 9.56 0.33
N GLU B 18 3.64 10.03 -0.11
CA GLU B 18 4.91 9.46 0.34
C GLU B 18 5.05 9.50 1.85
N GLY B 19 4.74 10.65 2.44
CA GLY B 19 4.79 10.78 3.89
C GLY B 19 3.76 9.92 4.59
N LEU B 20 2.59 9.71 3.97
CA LEU B 20 1.55 8.88 4.58
C LEU B 20 1.95 7.41 4.61
N GLY B 21 2.59 6.92 3.54
CA GLY B 21 3.12 5.58 3.60
C GLY B 21 4.15 5.40 4.69
N TYR B 22 4.92 6.45 4.98
CA TYR B 22 5.92 6.39 6.03
C TYR B 22 5.28 6.28 7.42
N VAL B 23 4.25 7.09 7.68
CA VAL B 23 3.64 7.09 9.01
C VAL B 23 2.84 5.83 9.25
N MET B 24 2.23 5.24 8.21
CA MET B 24 1.54 3.98 8.43
C MET B 24 2.53 2.89 8.80
N ASN B 25 3.68 2.87 8.14
CA ASN B 25 4.74 1.93 8.47
C ASN B 25 5.27 2.20 9.88
N GLN B 26 5.38 3.48 10.27
CA GLN B 26 5.80 3.82 11.63
C GLN B 26 4.79 3.36 12.67
N LEU B 27 3.50 3.52 12.40
CA LEU B 27 2.48 3.24 13.40
C LEU B 27 2.28 1.74 13.61
N LEU B 28 2.42 0.93 12.55
CA LEU B 28 2.28 -0.51 12.69
C LEU B 28 3.47 -1.12 13.44
N THR B 29 4.66 -0.61 13.18
CA THR B 29 5.85 -1.03 13.93
C THR B 29 5.71 -0.74 15.41
N ALA B 30 5.07 0.39 15.76
CA ALA B 30 4.84 0.79 17.15
C ALA B 30 3.71 0.03 17.83
N GLY B 31 2.99 -0.83 17.11
CA GLY B 31 2.02 -1.70 17.72
C GLY B 31 0.57 -1.33 17.56
N ALA B 32 0.24 -0.42 16.64
CA ALA B 32 -1.16 -0.20 16.32
C ALA B 32 -1.78 -1.49 15.86
N TYR B 33 -3.01 -1.74 16.28
CA TYR B 33 -3.73 -2.92 15.82
C TYR B 33 -3.92 -2.86 14.32
N ASP B 34 -4.22 -1.67 13.81
CA ASP B 34 -4.44 -1.46 12.39
C ASP B 34 -4.35 0.03 12.11
N VAL B 35 -4.04 0.34 10.86
CA VAL B 35 -3.97 1.70 10.34
C VAL B 35 -4.54 1.65 8.92
N PHE B 36 -5.41 2.61 8.58
CA PHE B 36 -5.91 2.67 7.22
C PHE B 36 -6.15 4.11 6.80
N PHE B 37 -6.16 4.32 5.48
CA PHE B 37 -6.40 5.62 4.86
C PHE B 37 -7.79 5.62 4.24
N THR B 38 -8.48 6.75 4.37
CA THR B 38 -9.76 6.95 3.70
C THR B 38 -9.67 8.20 2.85
N PRO B 39 -9.91 8.14 1.55
CA PRO B 39 -9.93 9.36 0.76
C PRO B 39 -11.15 10.21 1.10
N ILE B 40 -10.91 11.48 1.40
CA ILE B 40 -11.96 12.43 1.75
C ILE B 40 -11.74 13.69 0.95
N GLN B 41 -12.75 14.55 0.96
CA GLN B 41 -12.72 15.81 0.23
C GLN B 41 -12.87 16.93 1.24
N MET B 42 -11.94 17.85 1.25
CA MET B 42 -11.96 18.93 2.20
C MET B 42 -12.15 20.27 1.50
N LYS B 43 -12.18 21.31 2.32
CA LYS B 43 -12.40 22.68 1.87
C LYS B 43 -11.33 23.11 0.89
N LYS B 44 -11.66 24.16 0.11
CA LYS B 44 -10.74 24.77 -0.84
C LYS B 44 -10.24 23.77 -1.87
N ASP B 45 -11.13 22.88 -2.30
CA ASP B 45 -10.90 21.95 -3.42
C ASP B 45 -9.75 20.99 -3.16
N ARG B 46 -9.66 20.49 -1.92
CA ARG B 46 -8.52 19.69 -1.48
C ARG B 46 -8.87 18.21 -1.42
N PRO B 47 -8.26 17.36 -2.26
CA PRO B 47 -8.33 15.92 -2.04
C PRO B 47 -7.43 15.57 -0.88
N ALA B 48 -8.03 15.06 0.19
CA ALA B 48 -7.33 14.83 1.42
C ALA B 48 -7.41 13.35 1.77
N THR B 49 -6.77 12.99 2.87
CA THR B 49 -6.79 11.64 3.39
C THR B 49 -7.13 11.67 4.88
N LYS B 50 -8.08 10.86 5.29
CA LYS B 50 -8.31 10.63 6.70
C LYS B 50 -7.44 9.45 7.16
N LEU B 51 -6.65 9.68 8.19
CA LEU B 51 -5.84 8.63 8.80
C LEU B 51 -6.61 8.08 9.99
N THR B 52 -6.86 6.78 9.99
CA THR B 52 -7.47 6.12 11.15
C THR B 52 -6.51 5.07 11.70
N VAL B 53 -6.32 5.11 12.99
CA VAL B 53 -5.46 4.19 13.72
C VAL B 53 -6.32 3.50 14.77
N LEU B 54 -6.26 2.17 14.84
CA LEU B 54 -6.90 1.42 15.90
C LEU B 54 -5.82 0.86 16.81
N GLY B 55 -6.06 0.88 18.12
CA GLY B 55 -5.01 0.39 18.96
C GLY B 55 -5.48 0.20 20.38
N ASN B 56 -4.54 -0.26 21.21
CA ASN B 56 -4.80 -0.50 22.62
C ASN B 56 -5.03 0.80 23.35
N VAL B 57 -5.99 0.79 24.28
CA VAL B 57 -6.39 2.01 24.98
C VAL B 57 -5.21 2.59 25.75
N ASN B 58 -4.34 1.73 26.27
CA ASN B 58 -3.21 2.21 27.04
C ASN B 58 -2.08 2.76 26.18
N ASP B 59 -2.16 2.56 24.86
CA ASP B 59 -1.16 3.07 23.94
C ASP B 59 -1.56 4.42 23.34
N LYS B 60 -2.60 5.06 23.90
CA LYS B 60 -3.12 6.30 23.34
C LYS B 60 -2.03 7.35 23.17
N ASP B 61 -1.21 7.56 24.21
CA ASP B 61 -0.20 8.61 24.16
C ASP B 61 0.88 8.32 23.12
N LEU B 62 1.28 7.06 22.98
CA LEU B 62 2.28 6.68 21.98
C LEU B 62 1.79 6.97 20.57
N LEU B 63 0.58 6.50 20.24
CA LEU B 63 0.10 6.64 18.87
C LEU B 63 -0.26 8.09 18.54
N THR B 64 -0.77 8.82 19.53
CA THR B 64 -1.04 10.26 19.36
C THR B 64 0.25 11.01 19.05
N LYS B 65 1.26 10.81 19.89
CA LYS B 65 2.51 11.53 19.70
C LYS B 65 3.15 11.18 18.38
N LEU B 66 3.02 9.93 17.96
CA LEU B 66 3.51 9.49 16.68
C LEU B 66 2.81 10.25 15.54
N ILE B 67 1.49 10.38 15.60
CA ILE B 67 0.76 11.10 14.56
C ILE B 67 1.12 12.58 14.55
N LEU B 68 1.21 13.19 15.74
CA LEU B 68 1.54 14.62 15.83
C LEU B 68 2.97 14.90 15.41
N GLN B 69 3.84 13.92 15.59
CA GLN B 69 5.25 14.04 15.23
C GLN B 69 5.46 13.91 13.74
N GLU B 70 4.77 12.96 13.11
CA GLU B 70 5.08 12.57 11.75
C GLU B 70 4.14 13.17 10.72
N THR B 71 2.95 13.62 11.11
CA THR B 71 2.05 14.28 10.18
C THR B 71 2.02 15.77 10.45
N THR B 72 1.22 16.47 9.65
CA THR B 72 1.10 17.91 9.74
C THR B 72 -0.06 18.35 10.61
N THR B 73 -0.84 17.41 11.14
CA THR B 73 -2.03 17.77 11.88
C THR B 73 -1.68 18.48 13.19
N ILE B 74 -2.49 19.48 13.55
CA ILE B 74 -2.35 20.15 14.84
C ILE B 74 -3.06 19.39 15.96
N GLY B 75 -3.98 18.49 15.63
CA GLY B 75 -4.71 17.76 16.63
C GLY B 75 -5.17 16.43 16.10
N VAL B 76 -5.54 15.57 17.04
CA VAL B 76 -6.13 14.27 16.74
C VAL B 76 -7.42 14.19 17.54
N ARG B 77 -8.35 13.39 17.06
CA ARG B 77 -9.54 13.08 17.83
C ARG B 77 -9.56 11.58 18.12
N TYR B 78 -10.12 11.19 19.25
CA TYR B 78 -10.12 9.77 19.59
C TYR B 78 -11.37 9.40 20.38
N GLN B 79 -11.74 8.12 20.25
CA GLN B 79 -12.86 7.57 21.00
C GLN B 79 -12.65 6.06 21.11
N THR B 80 -13.23 5.47 22.14
CA THR B 80 -13.12 4.05 22.40
C THR B 80 -14.35 3.32 21.85
N TRP B 81 -14.11 2.22 21.13
CA TRP B 81 -15.15 1.35 20.62
C TRP B 81 -15.14 0.05 21.40
N GLN B 82 -16.29 -0.61 21.43
CA GLN B 82 -16.35 -1.96 21.95
C GLN B 82 -16.05 -2.91 20.80
N ARG B 83 -15.61 -4.13 21.12
CA ARG B 83 -15.26 -5.11 20.10
C ARG B 83 -15.84 -6.47 20.47
N THR B 84 -16.30 -7.18 19.45
CA THR B 84 -16.65 -8.59 19.57
C THR B 84 -15.68 -9.36 18.68
N ILE B 85 -14.99 -10.33 19.27
CA ILE B 85 -13.89 -11.04 18.61
C ILE B 85 -14.25 -12.52 18.53
N MET B 86 -13.98 -13.13 17.37
CA MET B 86 -14.12 -14.58 17.28
C MET B 86 -12.96 -15.29 17.97
N GLN B 87 -13.21 -16.54 18.34
CA GLN B 87 -12.16 -17.40 18.89
C GLN B 87 -11.33 -17.98 17.75
N ARG B 88 -10.02 -18.04 17.93
CA ARG B 88 -9.12 -18.50 16.87
C ARG B 88 -8.47 -19.80 17.27
N HIS B 89 -8.28 -20.66 16.26
CA HIS B 89 -7.25 -21.68 16.32
C HIS B 89 -6.75 -21.93 14.91
N PHE B 90 -5.57 -22.54 14.83
CA PHE B 90 -4.85 -22.65 13.57
C PHE B 90 -4.65 -24.12 13.21
N LEU B 91 -4.81 -24.41 11.93
CA LEU B 91 -4.53 -25.71 11.35
C LEU B 91 -3.36 -25.51 10.40
N THR B 92 -2.33 -26.34 10.51
CA THR B 92 -1.31 -26.39 9.48
C THR B 92 -1.63 -27.56 8.57
N VAL B 93 -1.75 -27.28 7.27
CA VAL B 93 -2.14 -28.32 6.34
C VAL B 93 -1.04 -28.51 5.32
N ALA B 94 -0.90 -29.75 4.87
CA ALA B 94 0.13 -30.13 3.91
C ALA B 94 -0.42 -29.98 2.50
N THR B 95 0.27 -29.19 1.69
CA THR B 95 -0.06 -28.93 0.31
C THR B 95 1.01 -29.51 -0.62
N PRO B 96 0.79 -29.49 -1.94
CA PRO B 96 1.87 -29.85 -2.87
C PRO B 96 3.10 -28.95 -2.77
N TYR B 97 2.99 -27.78 -2.11
CA TYR B 97 4.08 -26.81 -2.10
C TYR B 97 4.61 -26.53 -0.70
N GLY B 98 4.13 -27.24 0.31
CA GLY B 98 4.57 -27.00 1.66
C GLY B 98 3.41 -26.86 2.60
N ASP B 99 3.73 -26.63 3.86
CA ASP B 99 2.74 -26.44 4.89
C ASP B 99 2.11 -25.06 4.82
N VAL B 100 0.80 -25.00 5.02
CA VAL B 100 0.09 -23.73 5.06
C VAL B 100 -0.75 -23.69 6.33
N GLN B 101 -0.56 -22.64 7.12
CA GLN B 101 -1.37 -22.45 8.29
C GLN B 101 -2.73 -21.95 7.86
N VAL B 102 -3.79 -22.55 8.43
CA VAL B 102 -5.17 -22.19 8.14
C VAL B 102 -5.74 -21.68 9.45
N LYS B 103 -6.30 -20.46 9.43
CA LYS B 103 -6.92 -19.88 10.60
C LYS B 103 -8.39 -20.30 10.63
N VAL B 104 -8.79 -20.96 11.71
CA VAL B 104 -10.16 -21.43 11.92
C VAL B 104 -10.80 -20.53 12.96
N ALA B 105 -11.73 -19.70 12.52
CA ALA B 105 -12.43 -18.75 13.38
C ALA B 105 -13.81 -19.28 13.72
N THR B 106 -14.17 -19.24 14.99
CA THR B 106 -15.45 -19.76 15.46
C THR B 106 -16.17 -18.73 16.31
N TYR B 107 -17.49 -18.70 16.20
CA TYR B 107 -18.30 -17.81 17.02
C TYR B 107 -19.69 -18.42 17.15
N GLN B 108 -20.04 -18.88 18.34
CA GLN B 108 -21.30 -19.57 18.52
C GLN B 108 -21.38 -20.71 17.51
N ASP B 109 -22.32 -20.61 16.57
CA ASP B 109 -22.50 -21.62 15.53
C ASP B 109 -21.62 -21.40 14.32
N ILE B 110 -20.77 -20.37 14.33
CA ILE B 110 -19.99 -19.98 13.15
C ILE B 110 -18.67 -20.71 13.14
N GLU B 111 -18.32 -21.31 12.01
CA GLU B 111 -16.99 -21.88 11.81
C GLU B 111 -16.54 -21.52 10.41
N LYS B 112 -15.39 -20.84 10.29
CA LYS B 112 -14.88 -20.49 8.99
C LYS B 112 -13.37 -20.67 8.99
N LYS B 113 -12.83 -20.84 7.78
CA LYS B 113 -11.43 -21.21 7.62
C LYS B 113 -10.79 -20.34 6.55
N MET B 114 -9.69 -19.69 6.92
CA MET B 114 -8.97 -18.78 6.05
C MET B 114 -7.50 -19.19 5.97
N PRO B 115 -7.02 -19.66 4.82
CA PRO B 115 -5.57 -19.87 4.67
C PRO B 115 -4.80 -18.57 4.89
N GLU B 116 -3.67 -18.68 5.59
CA GLU B 116 -2.91 -17.49 5.96
C GLU B 116 -2.22 -16.91 4.74
N TYR B 117 -2.42 -15.61 4.53
CA TYR B 117 -1.86 -14.97 3.35
C TYR B 117 -0.35 -15.14 3.30
N ALA B 118 0.33 -15.01 4.44
CA ALA B 118 1.78 -15.04 4.44
C ALA B 118 2.28 -16.37 3.90
N ASP B 119 1.65 -17.47 4.32
CA ASP B 119 2.03 -18.79 3.84
C ASP B 119 1.79 -18.92 2.34
N CYS B 120 0.62 -18.47 1.88
CA CYS B 120 0.29 -18.65 0.48
C CYS B 120 1.15 -17.80 -0.43
N ALA B 121 1.38 -16.54 -0.06
CA ALA B 121 2.20 -15.66 -0.91
C ALA B 121 3.66 -16.14 -0.97
N GLN B 122 4.20 -16.64 0.15
CA GLN B 122 5.58 -17.11 0.17
C GLN B 122 5.77 -18.34 -0.69
N LEU B 123 4.84 -19.30 -0.61
CA LEU B 123 4.95 -20.52 -1.41
C LEU B 123 4.67 -20.27 -2.88
N ALA B 124 3.79 -19.31 -3.18
CA ALA B 124 3.53 -18.96 -4.56
C ALA B 124 4.77 -18.36 -5.20
N GLN B 125 5.46 -17.46 -4.49
CA GLN B 125 6.69 -16.91 -5.05
C GLN B 125 7.78 -17.96 -5.13
N GLN B 126 7.94 -18.76 -4.07
CA GLN B 126 9.03 -19.73 -4.02
C GLN B 126 8.86 -20.82 -5.05
N PHE B 127 7.63 -21.24 -5.32
CA PHE B 127 7.37 -22.31 -6.27
C PHE B 127 6.93 -21.81 -7.64
N HIS B 128 6.95 -20.49 -7.83
CA HIS B 128 6.69 -19.82 -9.10
C HIS B 128 5.34 -20.23 -9.70
N ILE B 129 4.29 -20.18 -8.88
CA ILE B 129 2.91 -20.44 -9.29
C ILE B 129 2.02 -19.31 -8.79
N PRO B 130 0.81 -19.15 -9.36
CA PRO B 130 -0.08 -18.08 -8.89
C PRO B 130 -0.44 -18.25 -7.42
N PHE B 131 -0.72 -17.11 -6.78
CA PHE B 131 -1.20 -17.10 -5.40
C PHE B 131 -2.45 -17.97 -5.23
N ARG B 132 -3.44 -17.75 -6.11
CA ARG B 132 -4.68 -18.50 -6.12
C ARG B 132 -4.45 -20.00 -6.14
N THR B 133 -3.35 -20.46 -6.73
CA THR B 133 -3.10 -21.89 -6.80
C THR B 133 -2.71 -22.45 -5.44
N VAL B 134 -1.88 -21.72 -4.70
CA VAL B 134 -1.52 -22.16 -3.36
C VAL B 134 -2.71 -22.00 -2.41
N TYR B 135 -3.47 -20.92 -2.56
CA TYR B 135 -4.64 -20.71 -1.71
C TYR B 135 -5.66 -21.84 -1.87
N GLN B 136 -5.95 -22.22 -3.12
CA GLN B 136 -6.93 -23.27 -3.36
C GLN B 136 -6.45 -24.63 -2.90
N ALA B 137 -5.14 -24.90 -2.99
CA ALA B 137 -4.58 -26.17 -2.52
C ALA B 137 -4.72 -26.33 -1.02
N ALA B 138 -4.58 -25.22 -0.27
CA ALA B 138 -4.82 -25.27 1.17
C ALA B 138 -6.28 -25.54 1.48
N LEU B 139 -7.19 -24.95 0.71
CA LEU B 139 -8.60 -25.25 0.89
C LEU B 139 -8.85 -26.73 0.67
N VAL B 140 -8.29 -27.27 -0.41
CA VAL B 140 -8.45 -28.69 -0.69
C VAL B 140 -7.90 -29.53 0.45
N ALA B 141 -6.76 -29.14 1.00
CA ALA B 141 -6.17 -29.94 2.06
C ALA B 141 -6.91 -29.79 3.37
N VAL B 142 -7.65 -28.69 3.57
CA VAL B 142 -8.43 -28.56 4.80
C VAL B 142 -9.74 -29.34 4.70
N ASP B 143 -10.04 -29.93 3.54
CA ASP B 143 -11.16 -30.84 3.43
C ASP B 143 -11.00 -32.04 4.35
N GLN B 144 -9.77 -32.32 4.81
CA GLN B 144 -9.51 -33.37 5.80
C GLN B 144 -8.57 -32.86 6.89
#